data_3RV1
#
_entry.id   3RV1
#
_cell.length_a   58.907
_cell.length_b   96.405
_cell.length_c   101.449
_cell.angle_alpha   90.000
_cell.angle_beta   90.000
_cell.angle_gamma   90.000
#
_symmetry.space_group_name_H-M   'P 21 21 21'
#
loop_
_entity.id
_entity.type
_entity.pdbx_description
1 polymer 'K. polysporus Dcr1'
2 water water
#
_entity_poly.entity_id   1
_entity_poly.type   'polypeptide(L)'
_entity_poly.pdbx_seq_one_letter_code
;SNELKVREFYRLHNACVKLKESIKLIYENPLVTDQNVLNLGTAENTIDYTILNTPTLNVAKTLLGNRYSLDLIDLFQSHD
FKDSNTDVDMFIKYPVVYDENLENLAFMHKSFPNMNAHLNDAQKTQLSNERLEFLGDSWLGALVSYIVYTRFPSANEGML
SQMKESIVNNNNLFDWSTKLNFTKRLQGNIATPTRVVKDKMSKRYADCVQAYIGALVIDRFGTEFLDIKEWLEELSEKKL
AKSSQM
;
_entity_poly.pdbx_strand_id   A,B
#
# COMPACT_ATOMS: atom_id res chain seq x y z
N SER A 1 -7.68 -1.36 28.95
CA SER A 1 -7.76 0.03 29.40
C SER A 1 -6.57 0.82 28.86
N ASN A 2 -5.43 0.80 29.56
CA ASN A 2 -4.21 1.40 28.98
C ASN A 2 -3.97 0.79 27.61
N GLU A 3 -4.11 -0.52 27.55
CA GLU A 3 -3.76 -1.29 26.37
C GLU A 3 -4.71 -0.94 25.22
N LEU A 4 -5.99 -0.85 25.52
CA LEU A 4 -6.96 -0.46 24.49
C LEU A 4 -6.71 0.96 23.97
N LYS A 5 -6.22 1.85 24.84
CA LYS A 5 -5.96 3.22 24.43
C LYS A 5 -4.77 3.30 23.49
N VAL A 6 -3.73 2.52 23.77
CA VAL A 6 -2.60 2.44 22.89
C VAL A 6 -3.01 1.90 21.51
N ARG A 7 -3.76 0.81 21.49
CA ARG A 7 -4.24 0.27 20.22
C ARG A 7 -4.98 1.31 19.41
N GLU A 8 -5.93 2.01 20.05
CA GLU A 8 -6.73 3.00 19.33
C GLU A 8 -5.90 4.22 18.97
N PHE A 9 -4.92 4.55 19.81
CA PHE A 9 -4.02 5.63 19.49
C PHE A 9 -3.27 5.39 18.17
N TYR A 10 -2.75 4.19 17.99
CA TYR A 10 -2.04 3.94 16.73
C TYR A 10 -2.95 3.88 15.49
N ARG A 11 -4.15 3.35 15.65
CA ARG A 11 -5.13 3.38 14.56
C ARG A 11 -5.39 4.81 14.10
N LEU A 12 -5.53 5.70 15.08
CA LEU A 12 -5.75 7.13 14.87
C LEU A 12 -4.54 7.82 14.27
N HIS A 13 -3.37 7.55 14.84
CA HIS A 13 -2.15 8.19 14.35
C HIS A 13 -1.89 7.80 12.89
N ASN A 14 -1.99 6.51 12.57
CA ASN A 14 -1.80 6.06 11.19
C ASN A 14 -2.82 6.67 10.21
N ALA A 15 -4.04 6.89 10.68
CA ALA A 15 -5.01 7.58 9.85
C ALA A 15 -4.59 9.04 9.64
N CYS A 16 -4.00 9.65 10.67
CA CYS A 16 -3.54 11.04 10.54
C CYS A 16 -2.35 11.14 9.57
N VAL A 17 -1.46 10.15 9.63
CA VAL A 17 -0.32 10.08 8.71
C VAL A 17 -0.81 9.99 7.24
N LYS A 18 -1.80 9.14 6.98
CA LYS A 18 -2.38 9.04 5.65
C LYS A 18 -3.12 10.30 5.19
N LEU A 19 -3.80 10.95 6.13
CA LEU A 19 -4.50 12.17 5.78
C LEU A 19 -3.49 13.20 5.33
N LYS A 20 -2.39 13.30 6.08
CA LYS A 20 -1.37 14.29 5.80
C LYS A 20 -0.71 14.04 4.44
N GLU A 21 -0.46 12.76 4.14
CA GLU A 21 0.12 12.38 2.86
C GLU A 21 -0.82 12.72 1.71
N SER A 22 -2.09 12.36 1.85
CA SER A 22 -3.04 12.54 0.76
C SER A 22 -3.32 14.02 0.50
N ILE A 23 -3.52 14.80 1.56
CA ILE A 23 -3.82 16.21 1.38
C ILE A 23 -2.68 16.92 0.63
N LYS A 24 -1.44 16.57 0.94
CA LYS A 24 -0.33 17.16 0.19
C LYS A 24 -0.43 16.84 -1.31
N LEU A 25 -0.76 15.59 -1.63
CA LEU A 25 -0.89 15.17 -3.02
C LEU A 25 -2.02 15.92 -3.69
N ILE A 26 -3.09 16.16 -2.94
CA ILE A 26 -4.25 16.88 -3.48
C ILE A 26 -3.94 18.35 -3.70
N TYR A 27 -3.29 18.99 -2.74
CA TYR A 27 -2.94 20.41 -2.83
C TYR A 27 -2.00 20.70 -4.01
N GLU A 28 -1.13 19.75 -4.31
CA GLU A 28 -0.05 19.99 -5.26
C GLU A 28 -0.26 19.31 -6.59
N ASN A 29 -1.43 18.72 -6.79
CA ASN A 29 -1.66 18.01 -8.04
C ASN A 29 -1.73 18.99 -9.21
N PRO A 30 -1.04 18.65 -10.31
CA PRO A 30 -0.95 19.54 -11.48
C PRO A 30 -2.33 19.88 -12.06
N LEU A 31 -3.33 19.03 -11.86
CA LEU A 31 -4.66 19.29 -12.43
C LEU A 31 -5.43 20.34 -11.61
N VAL A 32 -4.94 20.61 -10.41
CA VAL A 32 -5.67 21.39 -9.42
C VAL A 32 -5.04 22.75 -9.22
N THR A 33 -3.73 22.83 -9.41
CA THR A 33 -3.01 24.07 -9.18
C THR A 33 -3.19 25.07 -10.32
N ASP A 34 -2.79 26.31 -10.07
CA ASP A 34 -3.12 27.43 -10.96
C ASP A 34 -2.25 27.49 -12.22
N GLN A 35 -0.97 27.14 -12.10
CA GLN A 35 -0.11 27.06 -13.27
C GLN A 35 -0.81 26.29 -14.40
N ASN A 36 -1.59 25.27 -14.02
CA ASN A 36 -2.29 24.42 -14.99
C ASN A 36 -1.35 23.97 -16.12
N VAL A 37 -0.20 23.44 -15.72
CA VAL A 37 0.88 23.07 -16.63
C VAL A 37 0.51 22.01 -17.67
N LEU A 38 -0.61 21.32 -17.47
CA LEU A 38 -1.07 20.32 -18.43
C LEU A 38 -2.16 20.87 -19.36
N ASN A 39 -2.43 22.16 -19.24
CA ASN A 39 -3.46 22.82 -20.04
C ASN A 39 -4.82 22.13 -20.00
N LEU A 40 -5.21 21.71 -18.80
CA LEU A 40 -6.54 21.18 -18.57
C LEU A 40 -7.58 22.23 -18.95
N GLY A 41 -8.49 21.86 -19.85
CA GLY A 41 -9.55 22.75 -20.30
C GLY A 41 -9.15 23.46 -21.58
N THR A 42 -8.03 24.16 -21.52
CA THR A 42 -7.46 24.89 -22.65
C THR A 42 -7.41 24.02 -23.91
N ALA A 43 -7.01 22.76 -23.73
CA ALA A 43 -6.85 21.83 -24.85
C ALA A 43 -8.16 21.59 -25.58
N GLU A 44 -9.27 21.71 -24.86
CA GLU A 44 -10.60 21.54 -25.43
C GLU A 44 -10.77 20.21 -26.15
N ASN A 45 -10.56 19.11 -25.43
CA ASN A 45 -10.90 17.79 -25.94
C ASN A 45 -11.75 17.01 -24.93
N THR A 46 -12.32 15.91 -25.38
CA THR A 46 -13.29 15.17 -24.60
C THR A 46 -12.78 14.74 -23.23
N ILE A 47 -11.48 14.45 -23.11
CA ILE A 47 -10.97 13.97 -21.84
C ILE A 47 -10.81 15.12 -20.87
N ASP A 48 -10.33 16.26 -21.37
CA ASP A 48 -10.30 17.46 -20.53
C ASP A 48 -11.66 17.67 -19.91
N TYR A 49 -12.71 17.57 -20.73
CA TYR A 49 -14.07 17.84 -20.31
C TYR A 49 -14.46 16.84 -19.23
N THR A 50 -14.22 15.56 -19.52
CA THR A 50 -14.62 14.48 -18.63
C THR A 50 -13.96 14.68 -17.29
N ILE A 51 -12.66 14.96 -17.33
CA ILE A 51 -11.92 15.18 -16.10
C ILE A 51 -12.46 16.34 -15.28
N LEU A 52 -12.75 17.46 -15.94
CA LEU A 52 -13.19 18.67 -15.25
C LEU A 52 -14.53 18.51 -14.54
N ASN A 53 -15.40 17.66 -15.08
CA ASN A 53 -16.72 17.49 -14.51
C ASN A 53 -16.85 16.32 -13.53
N THR A 54 -15.71 15.77 -13.10
CA THR A 54 -15.75 14.67 -12.14
C THR A 54 -15.94 15.16 -10.70
N PRO A 55 -16.62 14.35 -9.88
CA PRO A 55 -16.63 14.61 -8.44
C PRO A 55 -15.21 14.86 -7.92
N THR A 56 -14.26 14.06 -8.42
CA THR A 56 -12.87 14.14 -7.97
C THR A 56 -12.33 15.56 -8.08
N LEU A 57 -12.35 16.12 -9.28
CA LEU A 57 -11.88 17.48 -9.45
C LEU A 57 -12.69 18.49 -8.60
N ASN A 58 -14.00 18.29 -8.52
CA ASN A 58 -14.84 19.23 -7.76
C ASN A 58 -14.49 19.23 -6.28
N VAL A 59 -14.30 18.02 -5.75
CA VAL A 59 -13.90 17.90 -4.36
C VAL A 59 -12.55 18.55 -4.14
N ALA A 60 -11.58 18.21 -4.99
CA ALA A 60 -10.22 18.71 -4.82
C ALA A 60 -10.12 20.23 -4.88
N LYS A 61 -10.88 20.83 -5.80
CA LYS A 61 -10.87 22.28 -5.96
C LYS A 61 -11.52 22.96 -4.75
N THR A 62 -12.49 22.29 -4.14
CA THR A 62 -13.10 22.82 -2.93
C THR A 62 -12.08 22.80 -1.78
N LEU A 63 -11.32 21.72 -1.69
CA LEU A 63 -10.28 21.58 -0.66
C LEU A 63 -9.21 22.66 -0.80
N LEU A 64 -8.78 22.88 -2.03
CA LEU A 64 -7.73 23.85 -2.28
C LEU A 64 -8.24 25.26 -1.94
N GLY A 65 -9.49 25.50 -2.28
CA GLY A 65 -10.09 26.81 -2.07
C GLY A 65 -10.29 27.11 -0.60
N ASN A 66 -10.33 26.08 0.24
CA ASN A 66 -10.57 26.28 1.66
C ASN A 66 -9.28 26.40 2.47
N ARG A 67 -8.13 26.30 1.81
CA ARG A 67 -6.87 26.40 2.53
C ARG A 67 -6.73 27.69 3.35
N TYR A 68 -7.31 28.79 2.85
CA TYR A 68 -7.20 30.09 3.55
C TYR A 68 -7.89 30.04 4.92
N SER A 69 -8.93 29.23 5.02
CA SER A 69 -9.64 28.99 6.27
C SER A 69 -8.95 27.96 7.15
N LEU A 70 -8.60 26.81 6.58
CA LEU A 70 -7.83 25.80 7.32
C LEU A 70 -6.93 25.06 6.36
N ASP A 71 -5.62 25.23 6.54
CA ASP A 71 -4.66 24.60 5.66
C ASP A 71 -4.16 23.36 6.36
N LEU A 72 -4.51 22.20 5.82
CA LEU A 72 -4.23 20.96 6.53
C LEU A 72 -2.72 20.75 6.75
N ILE A 73 -1.92 21.11 5.76
CA ILE A 73 -0.47 20.99 5.89
C ILE A 73 0.07 21.87 7.02
N ASP A 74 -0.39 23.12 7.07
CA ASP A 74 -0.02 24.03 8.16
C ASP A 74 -0.51 23.49 9.51
N LEU A 75 -1.71 22.94 9.52
CA LEU A 75 -2.26 22.33 10.73
C LEU A 75 -1.29 21.32 11.33
N PHE A 76 -0.80 20.39 10.50
CA PHE A 76 0.11 19.37 10.97
C PHE A 76 1.43 19.96 11.47
N GLN A 77 2.01 20.84 10.66
CA GLN A 77 3.28 21.48 11.01
C GLN A 77 3.19 22.31 12.29
N SER A 78 2.12 23.10 12.42
CA SER A 78 1.98 23.96 13.59
C SER A 78 1.94 23.15 14.90
N HIS A 79 1.59 21.88 14.83
CA HIS A 79 1.59 21.06 16.04
C HIS A 79 2.82 20.18 16.16
N ASP A 80 3.78 20.39 15.28
CA ASP A 80 4.99 19.57 15.28
C ASP A 80 4.64 18.08 15.20
N PHE A 81 3.64 17.76 14.38
CA PHE A 81 3.27 16.38 14.11
C PHE A 81 4.44 15.65 13.44
N LYS A 82 4.83 14.50 13.99
CA LYS A 82 5.85 13.68 13.36
C LYS A 82 5.29 12.31 12.99
N ASP A 83 5.42 11.94 11.71
CA ASP A 83 4.91 10.67 11.20
C ASP A 83 5.38 9.42 11.97
N SER A 84 6.68 9.33 12.23
CA SER A 84 7.27 8.05 12.64
C SER A 84 7.67 7.96 14.12
N ASN A 85 7.47 9.04 14.85
CA ASN A 85 7.81 9.10 16.27
C ASN A 85 6.69 9.74 17.06
N THR A 86 6.26 9.10 18.15
CA THR A 86 5.25 9.70 19.00
C THR A 86 5.60 9.49 20.47
N ASP A 87 4.96 10.26 21.34
CA ASP A 87 5.14 10.17 22.78
C ASP A 87 4.67 8.83 23.32
N VAL A 88 3.81 8.17 22.55
CA VAL A 88 3.26 6.89 22.95
C VAL A 88 4.18 5.70 22.65
N ASP A 89 5.24 5.90 21.87
CA ASP A 89 6.13 4.79 21.50
C ASP A 89 6.76 4.14 22.74
N MET A 90 6.78 4.91 23.82
CA MET A 90 7.14 4.49 25.16
C MET A 90 6.50 3.16 25.53
N PHE A 91 5.26 2.97 25.10
CA PHE A 91 4.47 1.84 25.52
C PHE A 91 4.70 0.57 24.71
N ILE A 92 5.46 0.66 23.62
CA ILE A 92 5.53 -0.47 22.70
C ILE A 92 6.95 -0.87 22.29
N LYS A 93 7.09 -2.13 21.88
CA LYS A 93 8.36 -2.65 21.39
C LYS A 93 8.37 -2.74 19.87
N TYR A 94 7.19 -3.02 19.30
CA TYR A 94 7.03 -3.16 17.86
C TYR A 94 5.63 -2.72 17.42
N PRO A 95 5.43 -2.57 16.09
CA PRO A 95 4.16 -2.03 15.59
C PRO A 95 2.96 -2.79 16.11
N VAL A 96 1.91 -2.05 16.40
CA VAL A 96 0.74 -2.55 17.11
C VAL A 96 -0.33 -3.14 16.21
N VAL A 97 -0.90 -4.24 16.65
CA VAL A 97 -2.11 -4.77 16.03
C VAL A 97 -3.30 -4.07 16.68
N TYR A 98 -4.14 -3.41 15.88
CA TYR A 98 -5.28 -2.70 16.46
C TYR A 98 -6.25 -3.66 17.14
N ASP A 99 -6.49 -4.83 16.53
CA ASP A 99 -7.46 -5.80 17.05
C ASP A 99 -6.82 -6.85 17.99
N GLU A 100 -7.10 -6.76 19.28
CA GLU A 100 -6.46 -7.69 20.24
C GLU A 100 -6.78 -9.16 19.93
N ASN A 101 -8.01 -9.43 19.49
CA ASN A 101 -8.39 -10.80 19.11
C ASN A 101 -7.52 -11.32 17.96
N LEU A 102 -7.17 -10.42 17.05
CA LEU A 102 -6.33 -10.77 15.93
C LEU A 102 -4.91 -11.05 16.41
N GLU A 103 -4.41 -10.21 17.31
CA GLU A 103 -3.07 -10.43 17.86
C GLU A 103 -2.99 -11.80 18.55
N ASN A 104 -4.01 -12.11 19.35
CA ASN A 104 -3.98 -13.37 20.07
C ASN A 104 -3.98 -14.57 19.14
N LEU A 105 -4.84 -14.52 18.13
CA LEU A 105 -4.96 -15.58 17.13
C LEU A 105 -3.62 -15.89 16.45
N ALA A 106 -2.80 -14.87 16.33
CA ALA A 106 -1.49 -15.01 15.69
C ALA A 106 -0.55 -15.92 16.48
N PHE A 107 -0.86 -16.11 17.76
CA PHE A 107 0.05 -16.88 18.60
C PHE A 107 -0.48 -18.30 18.82
N MET A 108 -1.61 -18.61 18.20
CA MET A 108 -2.22 -19.93 18.28
C MET A 108 -1.69 -20.85 17.18
N HIS A 109 -0.81 -21.79 17.56
CA HIS A 109 -0.12 -22.64 16.61
C HIS A 109 -1.01 -23.66 15.91
N LYS A 110 -0.63 -24.02 14.69
CA LYS A 110 -1.28 -25.06 13.90
C LYS A 110 -1.24 -26.41 14.61
N SER A 111 -2.20 -27.28 14.29
CA SER A 111 -2.23 -28.66 14.78
C SER A 111 -1.12 -29.00 15.77
N GLN A 126 -10.34 -26.42 15.40
CA GLN A 126 -9.85 -25.41 16.35
C GLN A 126 -9.35 -24.17 15.62
N LEU A 127 -9.16 -23.08 16.37
CA LEU A 127 -8.63 -21.86 15.80
C LEU A 127 -7.12 -21.89 15.80
N SER A 128 -6.52 -21.43 14.71
CA SER A 128 -5.06 -21.34 14.61
C SER A 128 -4.64 -20.15 13.72
N ASN A 129 -3.34 -19.89 13.71
CA ASN A 129 -2.77 -18.77 12.99
C ASN A 129 -2.33 -19.12 11.57
N GLU A 130 -2.70 -20.31 11.10
CA GLU A 130 -2.20 -20.80 9.82
C GLU A 130 -2.53 -19.88 8.64
N ARG A 131 -3.73 -19.31 8.61
CA ARG A 131 -4.08 -18.40 7.53
C ARG A 131 -3.30 -17.08 7.64
N LEU A 132 -3.15 -16.60 8.88
CA LEU A 132 -2.40 -15.36 9.11
C LEU A 132 -0.96 -15.55 8.68
N GLU A 133 -0.43 -16.74 8.93
CA GLU A 133 0.95 -17.07 8.59
C GLU A 133 1.13 -17.08 7.09
N PHE A 134 0.17 -17.69 6.39
CA PHE A 134 0.10 -17.66 4.93
C PHE A 134 0.13 -16.20 4.42
N LEU A 135 -0.84 -15.41 4.87
CA LEU A 135 -0.91 -14.01 4.48
C LEU A 135 0.38 -13.26 4.79
N GLY A 136 0.84 -13.40 6.02
CA GLY A 136 1.96 -12.61 6.48
C GLY A 136 3.27 -12.98 5.84
N ASP A 137 3.42 -14.24 5.44
CA ASP A 137 4.60 -14.70 4.73
C ASP A 137 4.69 -14.00 3.36
N SER A 138 3.58 -13.90 2.63
CA SER A 138 3.62 -13.19 1.35
C SER A 138 3.82 -11.68 1.51
N TRP A 139 3.31 -11.09 2.60
CA TRP A 139 3.46 -9.64 2.78
C TRP A 139 4.87 -9.29 3.25
N LEU A 140 5.45 -10.13 4.09
CA LEU A 140 6.85 -10.00 4.44
C LEU A 140 7.72 -9.96 3.17
N GLY A 141 7.46 -10.90 2.26
CA GLY A 141 8.20 -10.96 1.01
C GLY A 141 8.05 -9.69 0.19
N ALA A 142 6.81 -9.24 0.01
CA ALA A 142 6.52 -8.04 -0.75
C ALA A 142 7.18 -6.81 -0.12
N LEU A 143 7.07 -6.68 1.21
CA LEU A 143 7.66 -5.50 1.86
C LEU A 143 9.18 -5.48 1.77
N VAL A 144 9.80 -6.62 2.05
CA VAL A 144 11.25 -6.71 1.94
C VAL A 144 11.68 -6.48 0.48
N SER A 145 10.89 -6.96 -0.47
CA SER A 145 11.19 -6.73 -1.89
C SER A 145 11.18 -5.24 -2.20
N TYR A 146 10.21 -4.55 -1.63
CA TYR A 146 10.12 -3.11 -1.84
C TYR A 146 11.30 -2.43 -1.16
N ILE A 147 11.68 -2.91 0.02
CA ILE A 147 12.83 -2.35 0.71
C ILE A 147 14.11 -2.43 -0.13
N VAL A 148 14.42 -3.61 -0.65
CA VAL A 148 15.67 -3.79 -1.37
C VAL A 148 15.63 -3.07 -2.71
N TYR A 149 14.49 -3.12 -3.38
CA TYR A 149 14.32 -2.44 -4.65
C TYR A 149 14.63 -0.94 -4.54
N THR A 150 14.06 -0.29 -3.52
CA THR A 150 14.17 1.15 -3.42
C THR A 150 15.50 1.54 -2.81
N ARG A 151 16.09 0.63 -2.06
CA ARG A 151 17.34 0.91 -1.37
C ARG A 151 18.58 0.70 -2.23
N PHE A 152 18.48 -0.17 -3.22
CA PHE A 152 19.57 -0.44 -4.15
C PHE A 152 19.09 -0.23 -5.56
N PRO A 153 18.90 1.04 -5.94
CA PRO A 153 18.29 1.40 -7.21
C PRO A 153 19.02 0.82 -8.41
N SER A 154 20.22 0.30 -8.22
CA SER A 154 21.01 -0.20 -9.35
C SER A 154 21.29 -1.68 -9.31
N ALA A 155 21.03 -2.33 -8.18
CA ALA A 155 21.18 -3.77 -8.10
C ALA A 155 20.40 -4.41 -9.24
N ASN A 156 20.93 -5.49 -9.78
CA ASN A 156 20.18 -6.28 -10.75
C ASN A 156 19.28 -7.27 -10.01
N GLU A 157 18.40 -7.92 -10.74
CA GLU A 157 17.43 -8.83 -10.14
C GLU A 157 18.13 -9.85 -9.24
N GLY A 158 19.26 -10.38 -9.71
CA GLY A 158 19.99 -11.40 -8.97
C GLY A 158 20.42 -10.93 -7.58
N MET A 159 20.99 -9.74 -7.52
CA MET A 159 21.40 -9.16 -6.24
C MET A 159 20.22 -8.91 -5.32
N LEU A 160 19.15 -8.34 -5.85
CA LEU A 160 17.94 -8.12 -5.06
C LEU A 160 17.44 -9.43 -4.44
N SER A 161 17.41 -10.49 -5.23
CA SER A 161 16.97 -11.79 -4.74
C SER A 161 17.89 -12.34 -3.64
N GLN A 162 19.19 -12.18 -3.83
CA GLN A 162 20.14 -12.67 -2.83
C GLN A 162 19.93 -11.91 -1.52
N MET A 163 19.85 -10.59 -1.61
CA MET A 163 19.61 -9.78 -0.41
C MET A 163 18.32 -10.19 0.27
N LYS A 164 17.23 -10.19 -0.50
CA LYS A 164 15.92 -10.56 0.05
C LYS A 164 15.94 -11.91 0.74
N GLU A 165 16.47 -12.92 0.05
CA GLU A 165 16.55 -14.27 0.59
C GLU A 165 17.34 -14.34 1.89
N SER A 166 18.37 -13.51 2.00
CA SER A 166 19.21 -13.48 3.19
C SER A 166 18.44 -12.90 4.37
N ILE A 167 17.28 -12.30 4.09
CA ILE A 167 16.47 -11.69 5.13
C ILE A 167 15.25 -12.53 5.49
N VAL A 168 14.55 -13.07 4.50
CA VAL A 168 13.29 -13.75 4.80
C VAL A 168 13.38 -15.26 5.03
N ASN A 169 14.58 -15.81 5.03
CA ASN A 169 14.73 -17.24 5.32
C ASN A 169 14.40 -17.55 6.79
N ASN A 170 13.98 -18.78 7.06
CA ASN A 170 13.51 -19.18 8.39
C ASN A 170 14.55 -19.00 9.50
N ASN A 171 15.83 -19.04 9.11
CA ASN A 171 16.90 -18.85 10.08
C ASN A 171 16.97 -17.42 10.60
N ASN A 172 16.84 -16.45 9.70
CA ASN A 172 16.79 -15.05 10.09
C ASN A 172 15.52 -14.80 10.89
N LEU A 173 14.41 -15.34 10.40
CA LEU A 173 13.12 -15.19 11.06
C LEU A 173 13.16 -15.75 12.47
N PHE A 174 13.92 -16.81 12.68
CA PHE A 174 14.10 -17.35 14.01
C PHE A 174 14.81 -16.33 14.91
N ASP A 175 15.89 -15.75 14.39
CA ASP A 175 16.62 -14.72 15.12
C ASP A 175 15.72 -13.55 15.51
N TRP A 176 14.86 -13.14 14.59
CA TRP A 176 13.93 -12.04 14.85
C TRP A 176 13.00 -12.40 16.00
N SER A 177 12.37 -13.57 15.91
CA SER A 177 11.44 -14.03 16.93
C SER A 177 12.10 -13.98 18.30
N THR A 178 13.41 -14.21 18.32
CA THR A 178 14.16 -14.17 19.57
C THR A 178 14.30 -12.73 20.05
N LYS A 179 14.87 -11.88 19.21
CA LYS A 179 15.02 -10.47 19.55
C LYS A 179 13.68 -9.87 19.96
N LEU A 180 12.63 -10.17 19.21
CA LEU A 180 11.30 -9.63 19.50
C LEU A 180 10.67 -10.24 20.76
N ASN A 181 11.31 -11.28 21.28
CA ASN A 181 10.84 -11.93 22.50
C ASN A 181 9.46 -12.56 22.36
N PHE A 182 9.12 -12.97 21.14
CA PHE A 182 7.89 -13.72 20.91
C PHE A 182 7.97 -15.04 21.68
N THR A 183 9.15 -15.31 22.22
CA THR A 183 9.36 -16.45 23.11
C THR A 183 8.67 -16.23 24.45
N LYS A 184 9.04 -15.14 25.13
CA LYS A 184 8.50 -14.84 26.45
C LYS A 184 6.98 -14.63 26.44
N ARG A 185 6.38 -14.74 25.26
CA ARG A 185 4.93 -14.61 25.13
C ARG A 185 4.28 -15.99 25.06
N LEU A 186 5.01 -16.95 24.47
CA LEU A 186 4.51 -18.31 24.26
C LEU A 186 4.86 -19.26 25.40
N GLN A 187 5.94 -18.94 26.12
CA GLN A 187 6.39 -19.75 27.24
C GLN A 187 6.39 -18.98 28.55
N GLY A 188 6.65 -19.70 29.64
CA GLY A 188 6.79 -19.10 30.95
C GLY A 188 7.17 -20.20 31.92
N ASN A 189 6.40 -21.29 31.87
CA ASN A 189 6.59 -22.42 32.76
C ASN A 189 7.83 -23.26 32.40
N ILE A 190 7.89 -23.72 31.16
CA ILE A 190 8.93 -24.65 30.72
C ILE A 190 10.25 -23.95 30.34
N ALA A 191 11.36 -24.44 30.87
CA ALA A 191 12.69 -23.80 30.77
C ALA A 191 13.29 -23.73 29.37
N LYS A 203 10.63 -23.68 13.82
CA LYS A 203 9.73 -23.37 12.72
C LYS A 203 8.47 -22.73 13.28
N ARG A 204 8.09 -23.20 14.46
CA ARG A 204 6.90 -22.73 15.14
C ARG A 204 6.99 -21.23 15.38
N TYR A 205 8.17 -20.80 15.81
CA TYR A 205 8.39 -19.39 16.16
C TYR A 205 8.46 -18.49 14.94
N ALA A 206 9.09 -18.98 13.88
CA ALA A 206 9.14 -18.23 12.64
C ALA A 206 7.72 -17.96 12.17
N ASP A 207 6.86 -18.97 12.31
CA ASP A 207 5.50 -18.89 11.84
C ASP A 207 4.74 -17.79 12.58
N CYS A 208 5.10 -17.56 13.84
CA CYS A 208 4.49 -16.51 14.66
C CYS A 208 4.86 -15.12 14.18
N VAL A 209 6.13 -14.93 13.83
CA VAL A 209 6.60 -13.69 13.27
C VAL A 209 5.77 -13.38 12.02
N GLN A 210 5.61 -14.39 11.17
CA GLN A 210 4.84 -14.23 9.94
C GLN A 210 3.36 -13.98 10.20
N ALA A 211 2.78 -14.72 11.15
CA ALA A 211 1.38 -14.54 11.48
C ALA A 211 1.12 -13.13 12.02
N TYR A 212 2.05 -12.61 12.81
CA TYR A 212 1.94 -11.27 13.38
C TYR A 212 1.90 -10.22 12.26
N ILE A 213 2.79 -10.37 11.28
CA ILE A 213 2.77 -9.48 10.12
C ILE A 213 1.43 -9.62 9.40
N GLY A 214 0.95 -10.84 9.20
CA GLY A 214 -0.40 -11.04 8.68
C GLY A 214 -1.44 -10.21 9.42
N ALA A 215 -1.35 -10.20 10.75
CA ALA A 215 -2.28 -9.41 11.55
C ALA A 215 -2.12 -7.90 11.30
N LEU A 216 -0.87 -7.43 11.28
CA LEU A 216 -0.59 -6.03 11.04
C LEU A 216 -1.19 -5.61 9.70
N VAL A 217 -1.04 -6.48 8.71
CA VAL A 217 -1.52 -6.23 7.37
C VAL A 217 -3.05 -6.15 7.33
N ILE A 218 -3.72 -7.13 7.92
CA ILE A 218 -5.18 -7.16 7.97
C ILE A 218 -5.69 -5.86 8.60
N ASP A 219 -5.01 -5.38 9.64
CA ASP A 219 -5.48 -4.18 10.33
C ASP A 219 -5.28 -2.91 9.52
N ARG A 220 -4.23 -2.89 8.70
CA ARG A 220 -3.88 -1.66 7.97
C ARG A 220 -4.41 -1.58 6.53
N PHE A 221 -4.82 -2.69 5.93
CA PHE A 221 -5.14 -2.66 4.52
C PHE A 221 -6.35 -1.78 4.31
N GLY A 222 -6.18 -0.70 3.55
CA GLY A 222 -7.27 0.21 3.29
C GLY A 222 -7.43 0.48 1.81
N THR A 223 -7.13 1.69 1.40
CA THR A 223 -7.39 2.07 0.00
C THR A 223 -6.12 2.22 -0.82
N GLU A 224 -4.97 2.15 -0.16
CA GLU A 224 -3.72 2.46 -0.87
C GLU A 224 -3.50 1.59 -2.11
N PHE A 225 -3.73 0.29 -1.97
CA PHE A 225 -3.64 -0.61 -3.11
C PHE A 225 -4.97 -1.16 -3.56
N LEU A 226 -6.03 -0.47 -3.18
CA LEU A 226 -7.37 -0.98 -3.41
C LEU A 226 -7.69 -1.15 -4.90
N ASP A 227 -7.26 -0.21 -5.73
CA ASP A 227 -7.59 -0.30 -7.15
C ASP A 227 -6.91 -1.51 -7.78
N ILE A 228 -5.65 -1.76 -7.42
CA ILE A 228 -4.96 -2.94 -7.94
C ILE A 228 -5.62 -4.23 -7.45
N LYS A 229 -6.02 -4.24 -6.19
CA LYS A 229 -6.62 -5.41 -5.56
C LYS A 229 -7.94 -5.74 -6.23
N GLU A 230 -8.75 -4.73 -6.47
CA GLU A 230 -10.04 -4.96 -7.13
C GLU A 230 -9.89 -5.46 -8.56
N TRP A 231 -8.88 -4.94 -9.24
CA TRP A 231 -8.61 -5.31 -10.62
C TRP A 231 -8.14 -6.76 -10.68
N LEU A 232 -7.20 -7.11 -9.80
CA LEU A 232 -6.70 -8.48 -9.75
C LEU A 232 -7.83 -9.46 -9.39
N GLU A 233 -8.72 -9.03 -8.52
CA GLU A 233 -9.86 -9.88 -8.12
C GLU A 233 -10.81 -10.10 -9.30
N GLU A 234 -11.08 -9.03 -10.03
CA GLU A 234 -11.88 -9.15 -11.25
C GLU A 234 -11.23 -10.09 -12.25
N LEU A 235 -9.92 -9.95 -12.44
CA LEU A 235 -9.18 -10.82 -13.36
C LEU A 235 -9.25 -12.26 -12.92
N SER A 236 -9.35 -12.46 -11.59
CA SER A 236 -9.28 -13.78 -10.97
C SER A 236 -10.66 -14.38 -10.72
N GLU A 237 -11.70 -13.72 -11.19
CA GLU A 237 -13.06 -14.10 -10.79
C GLU A 237 -13.42 -15.54 -11.18
N LYS A 238 -13.06 -15.94 -12.39
CA LYS A 238 -13.28 -17.31 -12.83
C LYS A 238 -12.65 -18.30 -11.85
N LYS A 239 -11.38 -18.08 -11.55
CA LYS A 239 -10.68 -19.00 -10.67
C LYS A 239 -11.32 -19.00 -9.29
N LEU A 240 -11.78 -17.84 -8.84
CA LEU A 240 -12.32 -17.69 -7.49
C LEU A 240 -13.72 -18.30 -7.38
N ALA A 241 -14.50 -18.19 -8.45
CA ALA A 241 -15.82 -18.79 -8.50
C ALA A 241 -15.77 -20.30 -8.27
N LYS A 242 -14.69 -20.94 -8.74
CA LYS A 242 -14.49 -22.37 -8.53
C LYS A 242 -14.47 -22.71 -7.04
N SER B 1 0.66 14.56 -23.40
CA SER B 1 0.04 15.53 -22.51
C SER B 1 -1.37 15.07 -22.16
N ASN B 2 -2.13 14.67 -23.17
CA ASN B 2 -3.44 14.09 -22.93
C ASN B 2 -3.33 12.89 -21.98
N GLU B 3 -2.37 12.03 -22.27
CA GLU B 3 -2.13 10.84 -21.46
C GLU B 3 -1.66 11.26 -20.08
N LEU B 4 -0.88 12.34 -20.00
CA LEU B 4 -0.42 12.82 -18.70
C LEU B 4 -1.59 13.29 -17.83
N LYS B 5 -2.61 13.89 -18.43
CA LYS B 5 -3.79 14.32 -17.66
C LYS B 5 -4.49 13.13 -17.01
N VAL B 6 -4.69 12.07 -17.78
CA VAL B 6 -5.32 10.85 -17.28
C VAL B 6 -4.48 10.27 -16.15
N ARG B 7 -3.17 10.29 -16.33
CA ARG B 7 -2.27 9.75 -15.32
C ARG B 7 -2.37 10.53 -14.02
N GLU B 8 -2.34 11.86 -14.12
CA GLU B 8 -2.44 12.70 -12.94
C GLU B 8 -3.83 12.67 -12.35
N PHE B 9 -4.86 12.43 -13.19
CA PHE B 9 -6.20 12.29 -12.64
C PHE B 9 -6.30 11.12 -11.64
N TYR B 10 -5.81 9.94 -12.03
CA TYR B 10 -5.89 8.78 -11.13
C TYR B 10 -4.99 8.96 -9.90
N ARG B 11 -3.86 9.62 -10.07
CA ARG B 11 -3.06 9.95 -8.91
C ARG B 11 -3.88 10.80 -7.96
N LEU B 12 -4.60 11.76 -8.52
CA LEU B 12 -5.43 12.64 -7.70
C LEU B 12 -6.60 11.89 -7.09
N HIS B 13 -7.29 11.11 -7.92
CA HIS B 13 -8.44 10.37 -7.45
C HIS B 13 -8.08 9.42 -6.31
N ASN B 14 -6.96 8.71 -6.45
CA ASN B 14 -6.51 7.78 -5.40
C ASN B 14 -6.11 8.50 -4.12
N ALA B 15 -5.62 9.73 -4.25
CA ALA B 15 -5.34 10.51 -3.05
C ALA B 15 -6.65 10.93 -2.37
N CYS B 16 -7.65 11.32 -3.16
CA CYS B 16 -8.96 11.65 -2.62
C CYS B 16 -9.57 10.46 -1.88
N VAL B 17 -9.44 9.27 -2.46
CA VAL B 17 -9.97 8.06 -1.85
C VAL B 17 -9.34 7.85 -0.47
N LYS B 18 -8.03 7.98 -0.43
CA LYS B 18 -7.29 7.84 0.81
C LYS B 18 -7.73 8.92 1.82
N LEU B 19 -7.90 10.16 1.37
CA LEU B 19 -8.29 11.23 2.29
C LEU B 19 -9.64 10.93 2.92
N LYS B 20 -10.58 10.50 2.09
CA LYS B 20 -11.92 10.22 2.54
C LYS B 20 -11.92 9.11 3.59
N GLU B 21 -11.20 8.02 3.31
CA GLU B 21 -11.05 6.93 4.27
C GLU B 21 -10.46 7.43 5.58
N SER B 22 -9.40 8.22 5.46
CA SER B 22 -8.68 8.73 6.61
C SER B 22 -9.53 9.63 7.48
N ILE B 23 -10.28 10.54 6.86
CA ILE B 23 -11.06 11.49 7.64
C ILE B 23 -12.24 10.81 8.37
N LYS B 24 -12.81 9.78 7.75
CA LYS B 24 -13.86 9.02 8.40
C LYS B 24 -13.31 8.37 9.67
N LEU B 25 -12.14 7.76 9.59
CA LEU B 25 -11.51 7.18 10.77
C LEU B 25 -11.36 8.25 11.85
N ILE B 26 -10.75 9.37 11.48
CA ILE B 26 -10.49 10.44 12.43
C ILE B 26 -11.77 10.98 13.07
N TYR B 27 -12.77 11.33 12.26
CA TYR B 27 -14.00 11.89 12.80
C TYR B 27 -14.66 10.93 13.80
N GLU B 28 -14.57 9.63 13.56
CA GLU B 28 -15.33 8.67 14.34
C GLU B 28 -14.51 8.00 15.44
N ASN B 29 -13.24 8.36 15.57
CA ASN B 29 -12.40 7.66 16.52
C ASN B 29 -12.86 7.88 17.98
N PRO B 30 -12.89 6.81 18.77
CA PRO B 30 -13.31 6.86 20.18
C PRO B 30 -12.50 7.86 21.00
N LEU B 31 -11.25 8.10 20.61
CA LEU B 31 -10.35 8.93 21.41
C LEU B 31 -10.62 10.39 21.17
N VAL B 32 -11.38 10.67 20.12
CA VAL B 32 -11.51 12.02 19.60
C VAL B 32 -12.88 12.62 19.94
N THR B 33 -13.91 11.79 19.93
CA THR B 33 -15.29 12.30 19.90
C THR B 33 -15.84 12.74 21.25
N ASP B 34 -15.66 11.90 22.26
CA ASP B 34 -16.17 12.21 23.59
C ASP B 34 -15.06 12.18 24.62
N GLN B 35 -15.44 12.28 25.87
CA GLN B 35 -14.50 12.12 26.98
C GLN B 35 -14.80 10.81 27.68
N ASN B 36 -15.45 9.91 26.96
CA ASN B 36 -15.88 8.64 27.53
C ASN B 36 -14.79 7.57 27.58
N VAL B 37 -13.67 7.83 26.93
CA VAL B 37 -12.54 6.91 26.98
C VAL B 37 -11.28 7.61 27.50
N LEU B 38 -11.16 8.90 27.19
CA LEU B 38 -10.00 9.70 27.57
C LEU B 38 -10.41 10.88 28.46
N ASN B 39 -10.17 10.77 29.77
CA ASN B 39 -10.54 11.81 30.73
C ASN B 39 -9.68 13.07 30.64
N LEU B 40 -10.32 14.24 30.74
CA LEU B 40 -9.60 15.51 30.72
C LEU B 40 -8.95 15.82 32.07
N GLY B 41 -7.94 16.68 32.02
CA GLY B 41 -7.24 17.12 33.22
C GLY B 41 -6.82 16.04 34.18
N THR B 42 -6.44 14.87 33.66
CA THR B 42 -5.83 13.84 34.50
C THR B 42 -4.37 14.19 34.74
N ALA B 43 -3.73 13.52 35.69
CA ALA B 43 -2.37 13.85 36.10
C ALA B 43 -1.33 13.62 35.00
N GLU B 44 -0.23 14.36 35.07
CA GLU B 44 0.84 14.30 34.08
C GLU B 44 1.36 12.89 33.80
N ASN B 45 1.31 12.01 34.78
CA ASN B 45 1.83 10.66 34.59
C ASN B 45 0.77 9.63 34.28
N THR B 46 -0.35 10.06 33.72
CA THR B 46 -1.38 9.12 33.29
C THR B 46 -1.42 9.05 31.77
N ILE B 47 -1.80 7.90 31.24
CA ILE B 47 -1.82 7.73 29.80
C ILE B 47 -2.78 8.72 29.13
N ASP B 48 -3.88 9.07 29.79
CA ASP B 48 -4.87 9.96 29.19
C ASP B 48 -4.21 11.28 28.85
N TYR B 49 -3.36 11.75 29.77
CA TYR B 49 -2.64 13.00 29.61
C TYR B 49 -1.64 12.91 28.45
N THR B 50 -0.83 11.85 28.46
CA THR B 50 0.16 11.65 27.42
C THR B 50 -0.50 11.67 26.06
N ILE B 51 -1.61 10.96 25.93
CA ILE B 51 -2.28 10.85 24.65
C ILE B 51 -2.91 12.18 24.22
N LEU B 52 -3.62 12.84 25.13
CA LEU B 52 -4.28 14.09 24.81
C LEU B 52 -3.28 15.18 24.45
N ASN B 53 -2.06 15.08 24.95
CA ASN B 53 -1.04 16.07 24.64
C ASN B 53 -0.23 15.83 23.37
N THR B 54 -0.57 14.77 22.63
CA THR B 54 0.15 14.47 21.39
C THR B 54 -0.25 15.42 20.25
N PRO B 55 0.70 15.72 19.36
CA PRO B 55 0.32 16.39 18.11
C PRO B 55 -0.88 15.69 17.48
N THR B 56 -0.90 14.37 17.53
CA THR B 56 -1.98 13.57 16.91
C THR B 56 -3.38 13.96 17.40
N LEU B 57 -3.58 13.96 18.71
CA LEU B 57 -4.91 14.29 19.24
C LEU B 57 -5.23 15.76 19.00
N ASN B 58 -4.23 16.61 19.07
CA ASN B 58 -4.46 18.03 18.81
C ASN B 58 -4.92 18.27 17.39
N VAL B 59 -4.28 17.59 16.43
CA VAL B 59 -4.69 17.69 15.03
C VAL B 59 -6.09 17.12 14.84
N ALA B 60 -6.33 15.93 15.41
CA ALA B 60 -7.60 15.25 15.24
C ALA B 60 -8.73 16.10 15.79
N LYS B 61 -8.51 16.65 16.98
CA LYS B 61 -9.52 17.50 17.62
C LYS B 61 -9.78 18.77 16.80
N THR B 62 -8.72 19.37 16.28
CA THR B 62 -8.91 20.55 15.43
C THR B 62 -9.76 20.21 14.21
N LEU B 63 -9.52 19.05 13.60
CA LEU B 63 -10.27 18.62 12.44
C LEU B 63 -11.75 18.40 12.75
N LEU B 64 -12.01 17.63 13.80
CA LEU B 64 -13.38 17.37 14.23
C LEU B 64 -14.07 18.70 14.56
N GLY B 65 -13.34 19.61 15.19
CA GLY B 65 -13.88 20.91 15.54
C GLY B 65 -14.23 21.81 14.36
N ASN B 66 -13.68 21.52 13.18
CA ASN B 66 -13.90 22.37 12.01
C ASN B 66 -14.98 21.83 11.07
N ARG B 67 -15.63 20.75 11.48
CA ARG B 67 -16.69 20.15 10.66
C ARG B 67 -17.83 21.11 10.38
N TYR B 68 -18.18 21.94 11.37
CA TYR B 68 -19.25 22.93 11.21
C TYR B 68 -19.00 23.79 9.98
N SER B 69 -17.74 24.12 9.74
CA SER B 69 -17.38 24.94 8.59
C SER B 69 -17.31 24.12 7.29
N LEU B 70 -16.45 23.10 7.29
CA LEU B 70 -16.38 22.18 6.15
C LEU B 70 -16.30 20.74 6.62
N ASP B 71 -17.38 20.00 6.37
CA ASP B 71 -17.46 18.60 6.79
C ASP B 71 -16.95 17.76 5.65
N LEU B 72 -15.78 17.15 5.84
CA LEU B 72 -15.11 16.46 4.73
C LEU B 72 -15.93 15.30 4.19
N ILE B 73 -16.53 14.52 5.09
CA ILE B 73 -17.36 13.39 4.67
C ILE B 73 -18.52 13.89 3.82
N ASP B 74 -19.16 14.96 4.27
CA ASP B 74 -20.30 15.48 3.54
C ASP B 74 -19.87 16.09 2.21
N LEU B 75 -18.64 16.59 2.18
CA LEU B 75 -18.10 17.16 0.95
C LEU B 75 -18.12 16.07 -0.11
N PHE B 76 -17.55 14.91 0.24
CA PHE B 76 -17.48 13.83 -0.73
C PHE B 76 -18.87 13.37 -1.16
N GLN B 77 -19.74 13.18 -0.18
CA GLN B 77 -21.09 12.71 -0.42
C GLN B 77 -21.87 13.69 -1.32
N SER B 78 -21.71 15.00 -1.09
CA SER B 78 -22.52 15.98 -1.81
C SER B 78 -22.08 16.13 -3.26
N HIS B 79 -20.94 15.55 -3.60
CA HIS B 79 -20.43 15.62 -4.97
C HIS B 79 -20.56 14.28 -5.65
N ASP B 80 -21.24 13.37 -4.98
CA ASP B 80 -21.53 12.05 -5.51
C ASP B 80 -20.25 11.29 -5.84
N PHE B 81 -19.21 11.58 -5.07
CA PHE B 81 -17.92 10.94 -5.24
C PHE B 81 -18.04 9.42 -5.11
N LYS B 82 -17.47 8.68 -6.05
CA LYS B 82 -17.37 7.22 -5.92
C LYS B 82 -15.91 6.75 -5.92
N ASP B 83 -15.58 5.87 -4.99
CA ASP B 83 -14.20 5.41 -4.85
C ASP B 83 -13.73 4.55 -6.02
N SER B 84 -14.56 3.62 -6.45
CA SER B 84 -14.09 2.55 -7.32
C SER B 84 -14.50 2.71 -8.78
N ASN B 85 -15.23 3.78 -9.08
CA ASN B 85 -15.67 4.08 -10.43
C ASN B 85 -15.57 5.59 -10.68
N THR B 86 -15.07 5.96 -11.86
CA THR B 86 -15.06 7.36 -12.26
C THR B 86 -15.33 7.44 -13.77
N ASP B 87 -15.75 8.61 -14.22
CA ASP B 87 -16.11 8.86 -15.62
C ASP B 87 -14.93 8.68 -16.57
N VAL B 88 -13.73 8.80 -16.03
CA VAL B 88 -12.50 8.68 -16.83
C VAL B 88 -12.15 7.23 -17.17
N ASP B 89 -12.73 6.28 -16.43
CA ASP B 89 -12.45 4.86 -16.66
C ASP B 89 -12.68 4.48 -18.13
N MET B 90 -13.57 5.21 -18.78
CA MET B 90 -13.87 5.02 -20.20
C MET B 90 -12.62 5.05 -21.08
N PHE B 91 -11.58 5.76 -20.63
CA PHE B 91 -10.40 5.97 -21.46
C PHE B 91 -9.27 4.99 -21.16
N ILE B 92 -9.52 4.01 -20.31
CA ILE B 92 -8.44 3.11 -19.92
C ILE B 92 -8.89 1.66 -19.95
N LYS B 93 -7.94 0.73 -20.03
CA LYS B 93 -8.29 -0.70 -19.99
C LYS B 93 -8.02 -1.33 -18.64
N TYR B 94 -6.98 -0.85 -17.96
CA TYR B 94 -6.56 -1.39 -16.66
C TYR B 94 -5.93 -0.29 -15.79
N PRO B 95 -5.77 -0.54 -14.49
CA PRO B 95 -5.25 0.52 -13.62
C PRO B 95 -4.03 1.17 -14.22
N VAL B 96 -3.89 2.46 -13.99
CA VAL B 96 -2.90 3.28 -14.69
C VAL B 96 -1.63 3.42 -13.85
N VAL B 97 -0.48 3.39 -14.52
CA VAL B 97 0.77 3.74 -13.88
C VAL B 97 0.94 5.27 -14.01
N TYR B 98 1.28 5.97 -12.94
CA TYR B 98 1.33 7.45 -12.99
C TYR B 98 2.53 7.98 -13.79
N ASP B 99 3.67 7.32 -13.65
CA ASP B 99 4.90 7.75 -14.27
C ASP B 99 5.06 7.07 -15.62
N GLU B 100 5.07 7.85 -16.68
CA GLU B 100 5.12 7.29 -18.03
C GLU B 100 6.40 6.51 -18.31
N ASN B 101 7.52 6.98 -17.78
CA ASN B 101 8.78 6.28 -17.98
C ASN B 101 8.77 4.93 -17.27
N LEU B 102 8.10 4.88 -16.14
CA LEU B 102 8.02 3.63 -15.38
C LEU B 102 7.18 2.61 -16.14
N GLU B 103 6.06 3.05 -16.69
CA GLU B 103 5.19 2.17 -17.45
C GLU B 103 5.98 1.56 -18.61
N ASN B 104 6.73 2.39 -19.33
CA ASN B 104 7.46 1.91 -20.50
C ASN B 104 8.59 0.97 -20.13
N LEU B 105 9.19 1.23 -18.97
CA LEU B 105 10.22 0.37 -18.44
C LEU B 105 9.68 -1.06 -18.23
N ALA B 106 8.42 -1.15 -17.79
CA ALA B 106 7.81 -2.46 -17.51
C ALA B 106 7.78 -3.38 -18.73
N PHE B 107 7.86 -2.81 -19.92
CA PHE B 107 7.81 -3.62 -21.13
C PHE B 107 9.16 -3.73 -21.81
N MET B 108 10.21 -3.22 -21.18
CA MET B 108 11.54 -3.27 -21.80
C MET B 108 12.31 -4.52 -21.44
N HIS B 109 12.87 -5.16 -22.46
CA HIS B 109 13.59 -6.42 -22.30
C HIS B 109 15.10 -6.19 -22.26
N LYS B 110 15.81 -7.17 -21.72
CA LYS B 110 17.28 -7.22 -21.77
C LYS B 110 17.95 -5.93 -22.23
N ALA B 117 26.89 3.14 -29.92
CA ALA B 117 27.45 3.44 -28.61
C ALA B 117 26.77 2.60 -27.57
N HIS B 118 27.12 2.84 -26.31
CA HIS B 118 26.76 1.92 -25.24
C HIS B 118 26.44 2.58 -23.90
N LEU B 119 26.03 1.74 -22.96
CA LEU B 119 25.68 2.19 -21.63
C LEU B 119 26.30 1.23 -20.62
N ASN B 120 26.44 1.69 -19.37
CA ASN B 120 26.95 0.86 -18.29
C ASN B 120 26.02 -0.30 -18.01
N ASP B 121 26.57 -1.39 -17.47
CA ASP B 121 25.74 -2.50 -17.05
C ASP B 121 24.79 -2.02 -15.96
N ALA B 122 25.17 -0.93 -15.30
CA ALA B 122 24.30 -0.30 -14.32
C ALA B 122 23.14 0.40 -15.02
N GLN B 123 23.46 1.18 -16.04
CA GLN B 123 22.44 1.93 -16.77
C GLN B 123 21.52 1.04 -17.59
N LYS B 124 22.06 -0.02 -18.18
CA LYS B 124 21.19 -0.94 -18.91
C LYS B 124 20.25 -1.64 -17.93
N THR B 125 20.72 -1.82 -16.69
CA THR B 125 19.90 -2.38 -15.63
C THR B 125 18.66 -1.51 -15.39
N GLN B 126 18.83 -0.20 -15.50
CA GLN B 126 17.69 0.71 -15.38
C GLN B 126 16.84 0.70 -16.65
N LEU B 127 17.36 0.10 -17.72
CA LEU B 127 16.62 0.04 -18.98
C LEU B 127 16.15 -1.38 -19.25
N SER B 128 15.68 -2.02 -18.20
CA SER B 128 15.30 -3.43 -18.23
C SER B 128 14.21 -3.61 -17.20
N ASN B 129 13.22 -4.44 -17.51
CA ASN B 129 12.09 -4.63 -16.61
C ASN B 129 12.35 -5.66 -15.54
N GLU B 130 13.60 -6.12 -15.42
CA GLU B 130 13.97 -7.17 -14.46
C GLU B 130 13.69 -6.82 -12.99
N ARG B 131 14.06 -5.61 -12.60
CA ARG B 131 13.85 -5.16 -11.22
C ARG B 131 12.36 -5.06 -10.95
N LEU B 132 11.63 -4.43 -11.87
CA LEU B 132 10.18 -4.32 -11.74
C LEU B 132 9.50 -5.69 -11.66
N GLU B 133 9.98 -6.65 -12.44
CA GLU B 133 9.42 -8.00 -12.45
C GLU B 133 9.60 -8.66 -11.08
N PHE B 134 10.81 -8.55 -10.55
CA PHE B 134 11.11 -9.05 -9.22
C PHE B 134 10.13 -8.47 -8.17
N LEU B 135 10.02 -7.15 -8.16
CA LEU B 135 9.07 -6.47 -7.26
C LEU B 135 7.63 -6.92 -7.49
N GLY B 136 7.19 -6.83 -8.74
CA GLY B 136 5.81 -7.16 -9.11
C GLY B 136 5.42 -8.60 -8.79
N ASP B 137 6.38 -9.51 -8.91
CA ASP B 137 6.14 -10.92 -8.57
C ASP B 137 5.75 -11.06 -7.11
N SER B 138 6.58 -10.48 -6.23
CA SER B 138 6.29 -10.48 -4.80
C SER B 138 4.93 -9.83 -4.49
N TRP B 139 4.65 -8.67 -5.09
CA TRP B 139 3.44 -7.92 -4.76
C TRP B 139 2.18 -8.55 -5.34
N LEU B 140 2.32 -9.20 -6.48
CA LEU B 140 1.19 -9.99 -6.99
C LEU B 140 0.82 -11.10 -5.97
N GLY B 141 1.85 -11.73 -5.40
CA GLY B 141 1.62 -12.79 -4.44
C GLY B 141 0.91 -12.28 -3.20
N ALA B 142 1.38 -11.15 -2.69
CA ALA B 142 0.79 -10.56 -1.49
C ALA B 142 -0.67 -10.13 -1.70
N LEU B 143 -0.95 -9.47 -2.83
CA LEU B 143 -2.31 -8.97 -3.10
C LEU B 143 -3.27 -10.12 -3.34
N VAL B 144 -2.81 -11.15 -4.03
CA VAL B 144 -3.64 -12.32 -4.23
C VAL B 144 -3.85 -13.07 -2.91
N SER B 145 -2.80 -13.17 -2.10
CA SER B 145 -2.96 -13.80 -0.78
C SER B 145 -4.01 -13.08 0.07
N TYR B 146 -4.01 -11.75 -0.01
CA TYR B 146 -4.98 -10.96 0.73
C TYR B 146 -6.37 -11.21 0.17
N ILE B 147 -6.47 -11.25 -1.15
CA ILE B 147 -7.76 -11.54 -1.79
C ILE B 147 -8.33 -12.88 -1.34
N VAL B 148 -7.54 -13.95 -1.40
CA VAL B 148 -8.07 -15.27 -1.01
C VAL B 148 -8.38 -15.36 0.48
N TYR B 149 -7.47 -14.88 1.32
CA TYR B 149 -7.68 -14.82 2.76
C TYR B 149 -8.99 -14.13 3.12
N THR B 150 -9.26 -12.98 2.51
CA THR B 150 -10.45 -12.22 2.91
C THR B 150 -11.71 -12.72 2.23
N ARG B 151 -11.54 -13.38 1.10
CA ARG B 151 -12.69 -13.81 0.32
C ARG B 151 -13.27 -15.13 0.84
N PHE B 152 -12.41 -15.95 1.42
CA PHE B 152 -12.82 -17.25 1.95
C PHE B 152 -12.43 -17.39 3.42
N PRO B 153 -13.20 -16.76 4.31
CA PRO B 153 -12.76 -16.71 5.71
C PRO B 153 -12.63 -18.09 6.36
N SER B 154 -13.21 -19.12 5.75
CA SER B 154 -13.20 -20.47 6.34
C SER B 154 -12.12 -21.38 5.78
N ALA B 155 -11.63 -21.07 4.59
CA ALA B 155 -10.64 -21.91 3.97
C ALA B 155 -9.44 -22.07 4.89
N ASN B 156 -8.82 -23.26 4.86
CA ASN B 156 -7.57 -23.48 5.58
C ASN B 156 -6.39 -23.13 4.70
N GLU B 157 -5.19 -23.27 5.25
CA GLU B 157 -4.02 -22.82 4.53
C GLU B 157 -3.90 -23.50 3.17
N GLY B 158 -4.18 -24.80 3.13
CA GLY B 158 -4.05 -25.57 1.91
C GLY B 158 -4.99 -25.13 0.82
N MET B 159 -6.22 -24.76 1.18
CA MET B 159 -7.16 -24.26 0.19
C MET B 159 -6.72 -22.87 -0.33
N LEU B 160 -6.25 -22.02 0.58
CA LEU B 160 -5.76 -20.69 0.20
C LEU B 160 -4.57 -20.78 -0.73
N SER B 161 -3.62 -21.65 -0.40
CA SER B 161 -2.43 -21.84 -1.22
C SER B 161 -2.76 -22.33 -2.63
N GLN B 162 -3.78 -23.18 -2.72
CA GLN B 162 -4.15 -23.78 -3.99
C GLN B 162 -4.85 -22.77 -4.86
N MET B 163 -5.81 -22.07 -4.27
CA MET B 163 -6.51 -21.00 -4.97
C MET B 163 -5.49 -19.95 -5.47
N LYS B 164 -4.54 -19.59 -4.61
CA LYS B 164 -3.53 -18.62 -5.00
C LYS B 164 -2.71 -19.15 -6.18
N GLU B 165 -2.30 -20.42 -6.08
CA GLU B 165 -1.48 -21.02 -7.13
C GLU B 165 -2.20 -21.03 -8.46
N SER B 166 -3.51 -21.24 -8.42
CA SER B 166 -4.30 -21.29 -9.65
C SER B 166 -4.26 -19.93 -10.36
N ILE B 167 -3.99 -18.88 -9.59
CA ILE B 167 -4.01 -17.51 -10.13
C ILE B 167 -2.62 -17.00 -10.56
N VAL B 168 -1.58 -17.24 -9.76
CA VAL B 168 -0.30 -16.57 -10.03
C VAL B 168 0.71 -17.36 -10.88
N ASN B 169 0.34 -18.56 -11.33
CA ASN B 169 1.24 -19.37 -12.16
C ASN B 169 1.44 -18.76 -13.55
N ASN B 170 2.56 -19.11 -14.19
CA ASN B 170 2.91 -18.54 -15.49
C ASN B 170 1.86 -18.71 -16.59
N ASN B 171 1.13 -19.83 -16.55
CA ASN B 171 0.10 -20.07 -17.55
C ASN B 171 -0.99 -19.04 -17.44
N ASN B 172 -1.41 -18.77 -16.21
CA ASN B 172 -2.47 -17.80 -16.00
C ASN B 172 -2.00 -16.40 -16.34
N LEU B 173 -0.74 -16.09 -16.00
CA LEU B 173 -0.20 -14.75 -16.29
C LEU B 173 -0.09 -14.49 -17.80
N PHE B 174 0.22 -15.54 -18.55
CA PHE B 174 0.28 -15.43 -20.00
C PHE B 174 -1.12 -15.18 -20.53
N ASP B 175 -2.11 -15.86 -19.99
CA ASP B 175 -3.50 -15.55 -20.36
C ASP B 175 -3.88 -14.11 -20.00
N TRP B 176 -3.36 -13.60 -18.88
CA TRP B 176 -3.62 -12.19 -18.54
C TRP B 176 -2.99 -11.24 -19.56
N SER B 177 -1.75 -11.52 -19.96
CA SER B 177 -1.05 -10.65 -20.91
C SER B 177 -1.86 -10.51 -22.19
N THR B 178 -2.56 -11.57 -22.57
CA THR B 178 -3.34 -11.55 -23.80
C THR B 178 -4.56 -10.69 -23.59
N LYS B 179 -5.25 -10.92 -22.49
CA LYS B 179 -6.41 -10.13 -22.13
C LYS B 179 -6.07 -8.65 -22.05
N LEU B 180 -4.89 -8.32 -21.53
CA LEU B 180 -4.49 -6.93 -21.37
C LEU B 180 -3.87 -6.35 -22.65
N ASN B 181 -3.75 -7.18 -23.68
CA ASN B 181 -3.17 -6.78 -24.97
C ASN B 181 -1.69 -6.40 -24.90
N PHE B 182 -0.94 -7.06 -24.04
CA PHE B 182 0.49 -6.76 -23.93
C PHE B 182 1.26 -7.15 -25.18
N THR B 183 0.71 -8.06 -25.96
CA THR B 183 1.37 -8.50 -27.18
C THR B 183 1.62 -7.30 -28.09
N LYS B 184 0.65 -6.40 -28.16
CA LYS B 184 0.80 -5.17 -28.93
C LYS B 184 1.74 -4.19 -28.24
N ARG B 185 1.75 -4.18 -26.91
CA ARG B 185 2.65 -3.29 -26.19
C ARG B 185 4.09 -3.55 -26.56
N LEU B 186 4.41 -4.81 -26.82
CA LEU B 186 5.80 -5.22 -27.09
C LEU B 186 6.23 -5.06 -28.55
N GLN B 187 5.33 -4.60 -29.41
CA GLN B 187 5.67 -4.36 -30.81
C GLN B 187 6.43 -3.05 -31.00
N GLY B 188 7.54 -3.11 -31.74
CA GLY B 188 8.32 -1.93 -32.06
C GLY B 188 8.66 -1.86 -33.54
N ASN B 189 9.87 -1.40 -33.87
CA ASN B 189 10.27 -1.33 -35.28
C ASN B 189 10.27 -2.72 -35.89
N ILE B 190 10.97 -3.64 -35.23
CA ILE B 190 11.21 -4.96 -35.77
C ILE B 190 10.10 -5.94 -35.40
N ALA B 191 9.49 -6.53 -36.42
CA ALA B 191 8.49 -7.56 -36.17
C ALA B 191 8.69 -8.72 -37.12
N THR B 192 8.59 -9.93 -36.59
CA THR B 192 8.65 -11.10 -37.45
C THR B 192 7.40 -11.17 -38.33
N PRO B 193 7.57 -11.29 -39.66
CA PRO B 193 6.42 -11.40 -40.55
C PRO B 193 5.59 -12.65 -40.24
N THR B 194 4.35 -12.67 -40.70
CA THR B 194 3.42 -13.75 -40.41
C THR B 194 3.92 -15.07 -41.00
N ARG B 195 4.79 -14.97 -42.00
CA ARG B 195 5.26 -16.15 -42.74
C ARG B 195 6.45 -16.85 -42.09
N VAL B 196 7.15 -16.18 -41.17
CA VAL B 196 8.33 -16.79 -40.59
C VAL B 196 8.16 -17.20 -39.11
N VAL B 197 8.86 -18.25 -38.71
CA VAL B 197 8.63 -18.80 -37.38
C VAL B 197 9.05 -17.77 -36.33
N LYS B 198 8.20 -17.63 -35.32
CA LYS B 198 8.35 -16.60 -34.29
C LYS B 198 9.27 -17.04 -33.17
N ASP B 199 9.71 -16.07 -32.36
CA ASP B 199 10.46 -16.35 -31.14
C ASP B 199 9.54 -16.91 -30.08
N LYS B 200 10.12 -17.52 -29.06
CA LYS B 200 9.34 -17.95 -27.90
C LYS B 200 9.01 -16.73 -27.04
N MET B 201 7.72 -16.45 -26.86
CA MET B 201 7.30 -15.21 -26.21
C MET B 201 6.59 -15.38 -24.87
N SER B 202 6.22 -16.62 -24.54
CA SER B 202 5.37 -16.86 -23.39
C SER B 202 5.95 -16.34 -22.09
N LYS B 203 7.17 -16.75 -21.77
CA LYS B 203 7.79 -16.27 -20.55
C LYS B 203 7.83 -14.74 -20.53
N ARG B 204 8.20 -14.16 -21.66
CA ARG B 204 8.39 -12.73 -21.77
C ARG B 204 7.11 -11.94 -21.50
N TYR B 205 5.99 -12.49 -21.96
CA TYR B 205 4.70 -11.90 -21.69
C TYR B 205 4.36 -11.98 -20.20
N ALA B 206 4.54 -13.16 -19.62
CA ALA B 206 4.25 -13.34 -18.19
C ALA B 206 5.05 -12.36 -17.34
N ASP B 207 6.34 -12.23 -17.65
CA ASP B 207 7.21 -11.30 -16.92
C ASP B 207 6.70 -9.88 -16.99
N CYS B 208 6.17 -9.47 -18.15
CA CYS B 208 5.66 -8.10 -18.32
C CYS B 208 4.50 -7.82 -17.37
N VAL B 209 3.60 -8.79 -17.24
CA VAL B 209 2.48 -8.68 -16.30
C VAL B 209 3.03 -8.40 -14.89
N GLN B 210 4.01 -9.17 -14.47
CA GLN B 210 4.59 -8.99 -13.14
C GLN B 210 5.23 -7.62 -13.03
N ALA B 211 5.97 -7.22 -14.07
CA ALA B 211 6.64 -5.93 -14.07
C ALA B 211 5.66 -4.77 -14.05
N TYR B 212 4.53 -4.94 -14.72
CA TYR B 212 3.52 -3.89 -14.73
C TYR B 212 2.94 -3.71 -13.32
N ILE B 213 2.68 -4.82 -12.66
CA ILE B 213 2.23 -4.75 -11.27
C ILE B 213 3.31 -4.10 -10.40
N GLY B 214 4.56 -4.46 -10.64
CA GLY B 214 5.65 -3.80 -9.94
C GLY B 214 5.61 -2.28 -10.10
N ALA B 215 5.29 -1.82 -11.32
CA ALA B 215 5.21 -0.37 -11.58
C ALA B 215 4.01 0.28 -10.87
N LEU B 216 2.88 -0.43 -10.85
CA LEU B 216 1.71 0.09 -10.14
C LEU B 216 2.05 0.28 -8.65
N VAL B 217 2.77 -0.68 -8.09
CA VAL B 217 3.16 -0.64 -6.68
C VAL B 217 4.10 0.52 -6.35
N ILE B 218 5.14 0.69 -7.16
CA ILE B 218 6.07 1.80 -6.93
C ILE B 218 5.34 3.15 -6.92
N ASP B 219 4.37 3.29 -7.80
CA ASP B 219 3.62 4.54 -7.86
C ASP B 219 2.63 4.73 -6.68
N ARG B 220 2.16 3.63 -6.09
CA ARG B 220 1.11 3.73 -5.06
C ARG B 220 1.63 3.64 -3.62
N PHE B 221 2.77 3.01 -3.43
CA PHE B 221 3.28 2.82 -2.08
C PHE B 221 3.45 4.17 -1.37
N GLY B 222 2.75 4.32 -0.25
CA GLY B 222 2.77 5.56 0.50
C GLY B 222 2.96 5.28 1.98
N THR B 223 1.96 5.60 2.80
CA THR B 223 2.13 5.42 4.23
C THR B 223 1.27 4.33 4.86
N GLU B 224 0.41 3.71 4.07
CA GLU B 224 -0.50 2.74 4.66
C GLU B 224 0.23 1.63 5.44
N PHE B 225 1.37 1.19 4.92
CA PHE B 225 2.14 0.10 5.53
C PHE B 225 3.53 0.59 5.93
N LEU B 226 3.66 1.91 6.02
CA LEU B 226 4.97 2.51 6.28
C LEU B 226 5.55 2.09 7.63
N ASP B 227 4.71 1.97 8.66
CA ASP B 227 5.26 1.55 9.94
C ASP B 227 5.82 0.12 9.88
N ILE B 228 5.12 -0.79 9.20
CA ILE B 228 5.61 -2.15 9.02
C ILE B 228 6.92 -2.12 8.26
N LYS B 229 6.93 -1.33 7.20
CA LYS B 229 8.07 -1.22 6.30
C LYS B 229 9.31 -0.74 7.04
N GLU B 230 9.20 0.38 7.75
CA GLU B 230 10.32 0.91 8.53
C GLU B 230 10.80 -0.08 9.60
N TRP B 231 9.84 -0.74 10.24
CA TRP B 231 10.13 -1.73 11.25
C TRP B 231 10.95 -2.88 10.65
N LEU B 232 10.49 -3.41 9.51
CA LEU B 232 11.20 -4.49 8.85
C LEU B 232 12.58 -4.04 8.37
N GLU B 233 12.67 -2.80 7.91
CA GLU B 233 13.94 -2.33 7.39
C GLU B 233 14.95 -2.27 8.53
N GLU B 234 14.49 -1.81 9.69
CA GLU B 234 15.34 -1.73 10.86
C GLU B 234 15.85 -3.11 11.29
N LEU B 235 14.95 -4.10 11.37
CA LEU B 235 15.35 -5.45 11.73
C LEU B 235 16.39 -5.98 10.74
N SER B 236 16.28 -5.51 9.50
CA SER B 236 17.07 -6.02 8.39
C SER B 236 18.36 -5.23 8.21
N GLU B 237 18.62 -4.29 9.11
CA GLU B 237 19.70 -3.33 8.89
C GLU B 237 21.09 -3.96 8.82
N LYS B 238 21.32 -5.03 9.58
CA LYS B 238 22.59 -5.75 9.54
C LYS B 238 22.80 -6.45 8.20
N LYS B 239 21.78 -7.16 7.74
CA LYS B 239 21.83 -7.81 6.44
C LYS B 239 21.99 -6.81 5.30
N LEU B 240 21.25 -5.70 5.37
CA LEU B 240 21.29 -4.70 4.30
C LEU B 240 22.64 -4.02 4.21
N ALA B 241 23.43 -4.14 5.27
CA ALA B 241 24.73 -3.49 5.34
C ALA B 241 25.78 -4.25 4.55
N LYS B 242 25.56 -5.56 4.41
CA LYS B 242 26.42 -6.39 3.59
C LYS B 242 26.10 -6.19 2.12
N SER B 243 26.31 -4.97 1.64
CA SER B 243 25.98 -4.61 0.25
C SER B 243 27.19 -4.55 -0.67
N SER B 244 27.93 -5.66 -0.75
CA SER B 244 29.12 -5.74 -1.59
C SER B 244 28.83 -6.50 -2.88
#